data_5CFQ
#
_entry.id   5CFQ
#
_cell.length_a   40.497
_cell.length_b   77.971
_cell.length_c   101.347
_cell.angle_alpha   90.00
_cell.angle_beta   90.00
_cell.angle_gamma   90.00
#
_symmetry.space_group_name_H-M   'P 21 21 21'
#
loop_
_entity.id
_entity.type
_entity.pdbx_description
1 polymer 'Stimulator of Interferon Genes'
2 non-polymer 'SULFATE ION'
3 non-polymer cGAMP
4 water water
#
_entity_poly.entity_id   1
_entity_poly.type   'polypeptide(L)'
_entity_poly.pdbx_seq_one_letter_code
;GSNVADGLAWSYYFGYLKFVLPELEKQIEKTSKFRSKEKFVKKMFILIPSNCFWDDKIPGSDYDPQNRITFEGNTEPLEK
TRGGVFLRHYKHSVYEIKDGENEPWFCIMEYATPLLTLYDMSVAQPGELSREERDAQVVVFLRKLQDILEGDRACQGKYE
LVTFSPDRDLADVMLRKLKDSELEIGG
;
_entity_poly.pdbx_strand_id   A,B
#
# COMPACT_ATOMS: atom_id res chain seq x y z
N ASN A 3 18.91 5.68 5.02
CA ASN A 3 18.06 5.08 6.04
C ASN A 3 16.79 4.50 5.41
N VAL A 4 16.70 3.17 5.41
CA VAL A 4 15.56 2.46 4.84
C VAL A 4 14.26 2.68 5.62
N ALA A 5 14.35 2.67 6.95
CA ALA A 5 13.17 2.83 7.80
C ALA A 5 12.49 4.18 7.62
N ASP A 6 13.28 5.21 7.29
CA ASP A 6 12.75 6.53 7.04
C ASP A 6 11.75 6.54 5.89
N GLY A 7 12.13 5.92 4.78
CA GLY A 7 11.27 5.83 3.61
C GLY A 7 9.99 5.08 3.90
N LEU A 8 10.10 4.00 4.67
CA LEU A 8 8.94 3.18 5.02
C LEU A 8 7.95 3.97 5.88
N ALA A 9 8.48 4.83 6.73
CA ALA A 9 7.65 5.69 7.58
C ALA A 9 6.92 6.75 6.75
N TRP A 10 7.65 7.37 5.83
CA TRP A 10 7.06 8.40 4.97
C TRP A 10 6.00 7.81 4.03
N SER A 11 6.28 6.64 3.48
CA SER A 11 5.33 5.99 2.59
C SER A 11 4.07 5.62 3.35
N TYR A 12 4.25 5.15 4.58
CA TYR A 12 3.13 4.78 5.44
C TYR A 12 2.23 5.98 5.71
N TYR A 13 2.83 7.17 5.69
CA TYR A 13 2.09 8.40 5.94
C TYR A 13 1.47 8.94 4.65
N PHE A 14 2.32 9.28 3.69
CA PHE A 14 1.88 9.87 2.42
C PHE A 14 0.95 8.96 1.64
N GLY A 15 1.18 7.65 1.73
CA GLY A 15 0.40 6.71 0.95
C GLY A 15 -0.77 6.09 1.70
N TYR A 16 -1.00 6.53 2.93
CA TYR A 16 -2.06 5.93 3.74
C TYR A 16 -2.58 6.86 4.83
N LEU A 17 -1.86 6.91 5.95
CA LEU A 17 -2.28 7.61 7.15
C LEU A 17 -2.72 9.06 6.95
N LYS A 18 -2.00 9.79 6.08
CA LYS A 18 -2.28 11.20 5.85
C LYS A 18 -3.75 11.50 5.48
N PHE A 19 -4.37 10.60 4.73
CA PHE A 19 -5.72 10.86 4.24
C PHE A 19 -6.79 9.89 4.78
N VAL A 20 -6.38 8.89 5.55
CA VAL A 20 -7.35 7.96 6.13
C VAL A 20 -7.64 8.30 7.59
N LEU A 21 -6.66 8.91 8.26
CA LEU A 21 -6.78 9.24 9.68
C LEU A 21 -7.69 10.45 10.02
N PRO A 22 -7.56 11.58 9.30
CA PRO A 22 -8.36 12.74 9.71
C PRO A 22 -9.89 12.51 9.73
N GLU A 23 -10.38 11.66 8.83
CA GLU A 23 -11.81 11.38 8.74
C GLU A 23 -12.14 9.94 9.11
N LEU A 24 -11.21 9.27 9.80
CA LEU A 24 -11.41 7.88 10.18
C LEU A 24 -12.65 7.75 11.05
N GLU A 25 -12.83 8.68 11.98
CA GLU A 25 -14.01 8.68 12.84
C GLU A 25 -15.28 8.79 12.01
N LYS A 26 -15.35 9.82 11.17
CA LYS A 26 -16.51 10.06 10.33
C LYS A 26 -16.83 8.85 9.44
N GLN A 27 -15.79 8.17 8.99
CA GLN A 27 -15.95 6.98 8.16
C GLN A 27 -16.71 5.89 8.91
N ILE A 28 -16.35 5.69 10.17
CA ILE A 28 -17.00 4.70 11.01
C ILE A 28 -18.47 5.01 11.25
N GLU A 29 -18.78 6.30 11.46
CA GLU A 29 -20.14 6.73 11.77
C GLU A 29 -21.13 6.42 10.66
N LYS A 30 -20.62 6.12 9.46
CA LYS A 30 -21.47 5.84 8.31
C LYS A 30 -22.18 4.50 8.42
N THR A 31 -21.68 3.64 9.30
CA THR A 31 -22.29 2.33 9.53
C THR A 31 -23.14 2.34 10.79
N SER A 32 -24.40 1.95 10.65
CA SER A 32 -25.35 1.95 11.76
C SER A 32 -24.90 1.06 12.92
N LYS A 33 -24.35 -0.10 12.60
CA LYS A 33 -23.88 -1.05 13.61
C LYS A 33 -22.75 -0.49 14.47
N PHE A 34 -22.08 0.55 13.99
CA PHE A 34 -20.90 1.07 14.69
C PHE A 34 -21.16 2.29 15.58
N ARG A 35 -22.00 3.22 15.15
CA ARG A 35 -22.20 4.44 15.93
C ARG A 35 -22.89 4.19 17.27
N SER A 36 -23.91 3.34 17.25
CA SER A 36 -24.68 3.05 18.46
C SER A 36 -23.90 2.18 19.43
N LYS A 37 -22.67 1.83 19.04
CA LYS A 37 -21.88 0.89 19.82
C LYS A 37 -21.22 1.66 20.96
N GLU A 38 -21.26 1.11 22.17
CA GLU A 38 -20.55 1.72 23.30
C GLU A 38 -19.19 1.06 23.49
N LYS A 39 -18.28 1.78 24.15
CA LYS A 39 -16.91 1.33 24.34
C LYS A 39 -16.24 1.13 22.98
N PHE A 40 -16.53 2.04 22.05
CA PHE A 40 -15.95 1.97 20.71
C PHE A 40 -15.11 3.20 20.44
N VAL A 41 -13.79 3.05 20.56
CA VAL A 41 -12.86 4.14 20.27
C VAL A 41 -12.65 4.25 18.76
N LYS A 42 -12.85 5.45 18.23
CA LYS A 42 -12.80 5.65 16.79
C LYS A 42 -11.43 6.11 16.31
N LYS A 43 -10.38 5.42 16.74
CA LYS A 43 -9.03 5.74 16.29
C LYS A 43 -8.30 4.48 15.88
N MET A 44 -7.36 4.62 14.95
CA MET A 44 -6.62 3.49 14.46
C MET A 44 -5.55 3.06 15.46
N PHE A 45 -5.64 1.83 15.95
CA PHE A 45 -4.62 1.29 16.83
C PHE A 45 -3.59 0.54 16.00
N ILE A 46 -2.56 1.27 15.56
CA ILE A 46 -1.51 0.69 14.73
C ILE A 46 -0.66 -0.28 15.52
N LEU A 47 -0.76 -1.56 15.19
CA LEU A 47 -0.03 -2.61 15.90
C LEU A 47 1.42 -2.68 15.44
N ILE A 48 2.34 -2.53 16.39
CA ILE A 48 3.76 -2.57 16.07
C ILE A 48 4.46 -3.62 16.93
N PRO A 49 4.49 -4.86 16.45
CA PRO A 49 5.22 -5.95 17.12
C PRO A 49 6.73 -5.84 16.88
N SER A 50 7.52 -6.09 17.91
CA SER A 50 8.97 -5.94 17.82
C SER A 50 9.60 -6.88 16.81
N ASN A 51 8.99 -8.04 16.61
CA ASN A 51 9.51 -9.03 15.67
C ASN A 51 9.27 -8.64 14.22
N CYS A 52 8.35 -7.71 14.01
CA CYS A 52 7.95 -7.22 12.69
C CYS A 52 7.21 -8.28 11.88
N PHE A 53 6.73 -9.31 12.57
CA PHE A 53 5.98 -10.38 11.92
C PHE A 53 4.65 -10.62 12.64
N TRP A 54 3.64 -11.06 11.89
CA TRP A 54 2.32 -11.26 12.45
C TRP A 54 1.47 -12.20 11.60
N ASP A 55 0.36 -12.66 12.16
CA ASP A 55 -0.65 -13.36 11.39
C ASP A 55 -1.62 -12.31 10.86
N ASP A 56 -1.84 -12.31 9.55
CA ASP A 56 -2.72 -11.33 8.91
C ASP A 56 -4.13 -11.36 9.47
N LYS A 57 -4.51 -12.50 10.05
CA LYS A 57 -5.80 -12.62 10.72
C LYS A 57 -5.60 -12.60 12.23
N ILE A 58 -6.06 -11.52 12.87
CA ILE A 58 -5.90 -11.37 14.32
C ILE A 58 -6.85 -12.24 15.16
N PRO A 59 -8.13 -12.36 14.78
CA PRO A 59 -9.00 -13.24 15.58
C PRO A 59 -8.45 -14.66 15.70
N GLY A 60 -8.14 -15.08 16.92
CA GLY A 60 -7.57 -16.38 17.17
C GLY A 60 -6.16 -16.54 16.64
N SER A 61 -5.46 -15.42 16.47
CA SER A 61 -4.07 -15.44 16.04
C SER A 61 -3.15 -15.95 17.14
N ASP A 62 -1.87 -16.09 16.81
CA ASP A 62 -0.88 -16.54 17.78
C ASP A 62 -0.73 -15.56 18.93
N TYR A 63 -1.00 -14.28 18.65
CA TYR A 63 -0.96 -13.23 19.66
C TYR A 63 -2.19 -13.25 20.56
N ASP A 64 -3.27 -13.84 20.06
CA ASP A 64 -4.52 -13.99 20.81
C ASP A 64 -4.75 -15.44 21.23
N PRO A 65 -4.13 -15.87 22.35
CA PRO A 65 -4.26 -17.26 22.82
C PRO A 65 -5.64 -17.57 23.38
N GLN A 66 -6.19 -16.68 24.20
CA GLN A 66 -7.48 -16.90 24.83
C GLN A 66 -8.64 -16.69 23.87
N ASN A 67 -8.31 -16.25 22.66
CA ASN A 67 -9.28 -16.04 21.59
C ASN A 67 -10.33 -15.00 21.98
N ARG A 68 -9.90 -13.91 22.61
CA ARG A 68 -10.80 -12.86 23.06
C ARG A 68 -11.12 -11.84 21.97
N ILE A 69 -10.30 -11.80 20.93
CA ILE A 69 -10.49 -10.86 19.84
C ILE A 69 -11.33 -11.48 18.72
N THR A 70 -12.30 -10.71 18.22
CA THR A 70 -13.22 -11.21 17.20
C THR A 70 -13.47 -10.15 16.14
N PHE A 71 -13.43 -10.56 14.88
CA PHE A 71 -13.66 -9.66 13.75
C PHE A 71 -15.12 -9.23 13.72
N GLU A 72 -15.35 -7.91 13.73
CA GLU A 72 -16.71 -7.39 13.81
C GLU A 72 -17.13 -6.75 12.48
N GLY A 73 -16.38 -7.03 11.43
CA GLY A 73 -16.66 -6.47 10.11
C GLY A 73 -15.83 -5.25 9.78
N ASN A 74 -15.69 -4.96 8.49
CA ASN A 74 -14.92 -3.80 8.03
C ASN A 74 -15.77 -2.54 7.97
N THR A 75 -15.11 -1.40 7.80
CA THR A 75 -15.81 -0.13 7.66
C THR A 75 -16.11 0.18 6.20
N GLU A 76 -16.91 1.20 5.97
CA GLU A 76 -17.19 1.68 4.63
C GLU A 76 -15.86 2.12 3.99
N PRO A 77 -15.52 1.52 2.85
CA PRO A 77 -14.24 1.81 2.20
C PRO A 77 -14.13 3.24 1.67
N LEU A 78 -12.98 3.86 1.90
CA LEU A 78 -12.73 5.19 1.37
C LEU A 78 -12.15 5.05 -0.04
N GLU A 79 -12.78 5.70 -1.00
CA GLU A 79 -12.38 5.56 -2.39
C GLU A 79 -11.58 6.77 -2.90
N LYS A 80 -10.38 6.49 -3.41
CA LYS A 80 -9.51 7.52 -3.94
C LYS A 80 -8.67 6.98 -5.09
N THR A 81 -8.58 7.76 -6.16
CA THR A 81 -7.78 7.38 -7.31
C THR A 81 -6.32 7.74 -7.06
N ARG A 82 -5.46 6.73 -7.07
CA ARG A 82 -4.03 6.93 -6.82
C ARG A 82 -3.15 6.07 -7.74
N GLY A 83 -2.10 6.70 -8.27
CA GLY A 83 -1.13 6.02 -9.11
C GLY A 83 -1.75 5.36 -10.34
N GLY A 84 -2.59 6.12 -11.05
CA GLY A 84 -3.22 5.63 -12.25
C GLY A 84 -4.32 4.61 -11.99
N VAL A 85 -4.50 4.24 -10.73
CA VAL A 85 -5.54 3.28 -10.36
C VAL A 85 -6.79 3.99 -9.86
N PHE A 86 -7.89 3.84 -10.61
CA PHE A 86 -9.14 4.52 -10.26
C PHE A 86 -9.80 3.94 -9.01
N LEU A 87 -10.15 4.83 -8.09
CA LEU A 87 -10.91 4.47 -6.89
C LEU A 87 -10.34 3.30 -6.09
N ARG A 88 -9.09 3.45 -5.66
CA ARG A 88 -8.49 2.45 -4.77
C ARG A 88 -9.28 2.41 -3.48
N HIS A 89 -9.45 1.21 -2.92
CA HIS A 89 -10.27 1.05 -1.74
C HIS A 89 -9.41 1.09 -0.48
N TYR A 90 -9.80 1.95 0.45
CA TYR A 90 -9.11 2.09 1.72
C TYR A 90 -10.08 1.87 2.88
N LYS A 91 -10.07 0.65 3.42
CA LYS A 91 -10.99 0.31 4.51
C LYS A 91 -10.23 -0.29 5.70
N HIS A 92 -10.92 -0.40 6.82
CA HIS A 92 -10.32 -0.87 8.06
C HIS A 92 -11.21 -1.87 8.77
N SER A 93 -10.59 -2.76 9.55
CA SER A 93 -11.33 -3.80 10.25
C SER A 93 -11.61 -3.44 11.70
N VAL A 94 -12.86 -3.61 12.11
CA VAL A 94 -13.28 -3.37 13.49
C VAL A 94 -13.23 -4.68 14.28
N TYR A 95 -12.65 -4.63 15.47
CA TYR A 95 -12.53 -5.83 16.29
C TYR A 95 -13.23 -5.69 17.63
N GLU A 96 -13.54 -6.84 18.23
CA GLU A 96 -14.21 -6.88 19.53
C GLU A 96 -13.34 -7.60 20.54
N ILE A 97 -13.03 -6.94 21.64
CA ILE A 97 -12.17 -7.52 22.65
C ILE A 97 -12.90 -7.83 23.95
N LYS A 98 -13.02 -9.11 24.28
CA LYS A 98 -13.69 -9.58 25.49
C LYS A 98 -12.92 -9.29 26.77
N ASP A 99 -13.63 -8.72 27.73
CA ASP A 99 -13.06 -8.43 29.05
C ASP A 99 -13.74 -9.31 30.10
N GLY A 100 -13.53 -10.63 29.99
CA GLY A 100 -14.15 -11.57 30.92
C GLY A 100 -15.67 -11.53 30.90
N GLU A 101 -16.27 -11.34 32.06
CA GLU A 101 -17.73 -11.28 32.13
C GLU A 101 -18.23 -9.86 31.90
N ASN A 102 -17.30 -8.91 31.86
CA ASN A 102 -17.63 -7.50 31.68
C ASN A 102 -17.96 -7.19 30.23
N GLU A 103 -18.36 -5.94 29.96
CA GLU A 103 -18.64 -5.52 28.59
C GLU A 103 -17.40 -5.48 27.72
N PRO A 104 -17.52 -5.96 26.48
CA PRO A 104 -16.42 -6.00 25.51
C PRO A 104 -16.06 -4.63 24.94
N TRP A 105 -14.83 -4.50 24.46
CA TRP A 105 -14.36 -3.26 23.85
C TRP A 105 -14.37 -3.37 22.33
N PHE A 106 -14.51 -2.23 21.65
CA PHE A 106 -14.51 -2.21 20.20
C PHE A 106 -13.50 -1.19 19.67
N CYS A 107 -12.74 -1.57 18.65
CA CYS A 107 -11.70 -0.70 18.12
C CYS A 107 -11.17 -1.17 16.76
N ILE A 108 -10.56 -0.25 16.02
CA ILE A 108 -9.90 -0.58 14.76
C ILE A 108 -8.45 -0.95 15.03
N MET A 109 -8.05 -2.15 14.59
CA MET A 109 -6.68 -2.60 14.76
C MET A 109 -6.03 -2.92 13.42
N GLU A 110 -4.82 -2.37 13.22
CA GLU A 110 -4.06 -2.61 12.01
C GLU A 110 -2.59 -2.82 12.36
N TYR A 111 -1.93 -3.72 11.65
CA TYR A 111 -0.50 -3.86 11.79
C TYR A 111 0.17 -2.80 10.93
N ALA A 112 1.36 -2.38 11.33
CA ALA A 112 2.12 -1.43 10.53
C ALA A 112 2.74 -2.19 9.37
N THR A 113 2.06 -2.14 8.22
CA THR A 113 2.45 -2.92 7.05
C THR A 113 3.88 -2.73 6.54
N PRO A 114 4.44 -1.50 6.64
CA PRO A 114 5.86 -1.37 6.25
C PRO A 114 6.81 -2.25 7.06
N LEU A 115 6.42 -2.62 8.27
CA LEU A 115 7.26 -3.47 9.11
C LEU A 115 7.46 -4.86 8.50
N LEU A 116 6.43 -5.35 7.82
CA LEU A 116 6.54 -6.65 7.16
C LEU A 116 7.63 -6.64 6.10
N THR A 117 7.86 -5.47 5.51
CA THR A 117 8.93 -5.31 4.54
C THR A 117 10.29 -5.48 5.21
N LEU A 118 10.43 -4.92 6.41
CA LEU A 118 11.66 -5.05 7.19
C LEU A 118 11.92 -6.51 7.51
N TYR A 119 10.87 -7.23 7.90
CA TYR A 119 10.98 -8.65 8.21
C TYR A 119 11.37 -9.46 6.98
N ASP A 120 10.60 -9.29 5.91
CA ASP A 120 10.85 -10.00 4.65
C ASP A 120 12.25 -9.74 4.11
N MET A 121 12.73 -8.51 4.28
CA MET A 121 14.07 -8.13 3.85
C MET A 121 15.13 -8.89 4.66
N SER A 122 14.89 -8.99 5.97
CA SER A 122 15.83 -9.66 6.87
C SER A 122 15.95 -11.15 6.56
N VAL A 123 14.90 -11.73 6.01
CA VAL A 123 14.89 -13.16 5.68
C VAL A 123 15.39 -13.44 4.27
N ALA A 124 14.93 -12.65 3.30
CA ALA A 124 15.25 -12.90 1.90
C ALA A 124 16.69 -12.50 1.58
N GLN A 125 17.10 -11.32 2.04
CA GLN A 125 18.46 -10.85 1.85
C GLN A 125 19.07 -10.39 3.17
N PRO A 126 19.51 -11.35 4.00
CA PRO A 126 20.16 -11.06 5.28
C PRO A 126 21.46 -10.25 5.13
N GLY A 127 22.06 -10.31 3.94
CA GLY A 127 23.27 -9.58 3.65
C GLY A 127 23.02 -8.08 3.53
N GLU A 128 21.82 -7.74 3.09
CA GLU A 128 21.44 -6.33 2.95
C GLU A 128 20.83 -5.82 4.24
N LEU A 129 20.01 -6.64 4.87
CA LEU A 129 19.41 -6.29 6.15
C LEU A 129 19.50 -7.45 7.14
N SER A 130 20.44 -7.35 8.07
CA SER A 130 20.60 -8.37 9.10
C SER A 130 19.53 -8.23 10.18
N ARG A 131 19.38 -9.25 11.01
CA ARG A 131 18.42 -9.19 12.10
C ARG A 131 18.84 -8.14 13.13
N GLU A 132 20.14 -7.93 13.25
CA GLU A 132 20.67 -6.92 14.15
C GLU A 132 20.38 -5.52 13.60
N GLU A 133 20.58 -5.35 12.30
CA GLU A 133 20.29 -4.09 11.65
C GLU A 133 18.78 -3.85 11.59
N ARG A 134 18.01 -4.93 11.50
CA ARG A 134 16.56 -4.84 11.45
C ARG A 134 16.01 -4.27 12.75
N ASP A 135 16.55 -4.75 13.87
CA ASP A 135 16.13 -4.28 15.19
C ASP A 135 16.34 -2.77 15.32
N ALA A 136 17.44 -2.28 14.76
CA ALA A 136 17.74 -0.85 14.80
C ALA A 136 16.75 -0.08 13.94
N GLN A 137 16.42 -0.63 12.78
CA GLN A 137 15.53 0.03 11.83
C GLN A 137 14.10 0.14 12.34
N VAL A 138 13.67 -0.82 13.18
CA VAL A 138 12.34 -0.77 13.77
C VAL A 138 12.22 0.45 14.67
N VAL A 139 13.28 0.71 15.44
CA VAL A 139 13.31 1.85 16.35
C VAL A 139 13.26 3.16 15.57
N VAL A 140 14.05 3.24 14.51
CA VAL A 140 14.07 4.42 13.64
C VAL A 140 12.70 4.66 13.02
N PHE A 141 12.10 3.58 12.51
CA PHE A 141 10.77 3.65 11.92
C PHE A 141 9.76 4.23 12.90
N LEU A 142 9.76 3.69 14.11
CA LEU A 142 8.84 4.11 15.17
C LEU A 142 8.98 5.60 15.50
N ARG A 143 10.21 6.04 15.74
CA ARG A 143 10.49 7.42 16.09
C ARG A 143 10.11 8.36 14.94
N LYS A 144 10.44 7.94 13.72
CA LYS A 144 10.11 8.74 12.54
C LYS A 144 8.60 8.86 12.34
N LEU A 145 7.91 7.73 12.43
CA LEU A 145 6.45 7.70 12.28
C LEU A 145 5.78 8.63 13.27
N GLN A 146 6.23 8.59 14.52
CA GLN A 146 5.69 9.48 15.55
C GLN A 146 5.91 10.95 15.19
N ASP A 147 7.13 11.28 14.76
CA ASP A 147 7.46 12.65 14.38
C ASP A 147 6.57 13.18 13.26
N ILE A 148 6.36 12.34 12.25
CA ILE A 148 5.54 12.72 11.11
C ILE A 148 4.08 12.97 11.51
N LEU A 149 3.50 12.04 12.26
CA LEU A 149 2.11 12.14 12.67
C LEU A 149 1.89 13.30 13.65
N GLU A 150 2.86 13.52 14.53
CA GLU A 150 2.78 14.61 15.50
C GLU A 150 2.88 15.98 14.82
N GLY A 151 3.45 16.01 13.63
CA GLY A 151 3.58 17.26 12.89
C GLY A 151 2.36 17.51 12.02
N ASP A 152 1.36 16.66 12.15
CA ASP A 152 0.12 16.82 11.40
C ASP A 152 -1.05 16.90 12.36
N ARG A 153 -1.56 18.11 12.57
CA ARG A 153 -2.69 18.33 13.48
C ARG A 153 -3.95 17.60 13.02
N ALA A 154 -4.09 17.43 11.72
CA ALA A 154 -5.25 16.71 11.19
C ALA A 154 -5.23 15.25 11.64
N CYS A 155 -4.04 14.75 11.98
CA CYS A 155 -3.89 13.38 12.45
C CYS A 155 -3.83 13.30 13.98
N GLN A 156 -3.98 14.44 14.63
CA GLN A 156 -3.91 14.53 16.09
C GLN A 156 -4.99 13.73 16.81
N GLY A 157 -4.56 12.83 17.69
CA GLY A 157 -5.47 12.04 18.50
C GLY A 157 -6.44 11.17 17.72
N LYS A 158 -6.02 10.72 16.55
CA LYS A 158 -6.85 9.89 15.70
C LYS A 158 -6.18 8.54 15.46
N TYR A 159 -5.09 8.31 16.18
CA TYR A 159 -4.30 7.10 16.04
C TYR A 159 -3.69 6.71 17.38
N GLU A 160 -3.29 5.45 17.50
CA GLU A 160 -2.60 4.98 18.69
C GLU A 160 -1.58 3.91 18.35
N LEU A 161 -0.31 4.19 18.58
CA LEU A 161 0.75 3.23 18.33
C LEU A 161 0.83 2.21 19.45
N VAL A 162 0.59 0.95 19.12
CA VAL A 162 0.58 -0.11 20.12
C VAL A 162 1.80 -1.01 19.95
N THR A 163 2.87 -0.68 20.68
CA THR A 163 4.08 -1.47 20.64
C THR A 163 3.99 -2.60 21.66
N PHE A 164 4.41 -3.78 21.23
CA PHE A 164 4.40 -4.95 22.10
C PHE A 164 5.30 -6.04 21.54
N SER A 165 5.83 -6.87 22.43
CA SER A 165 6.60 -8.04 22.05
C SER A 165 5.64 -9.19 21.73
N PRO A 166 6.04 -10.10 20.85
CA PRO A 166 5.13 -11.18 20.41
C PRO A 166 4.83 -12.22 21.49
N ASP A 167 5.42 -12.05 22.66
CA ASP A 167 5.15 -12.95 23.78
C ASP A 167 3.93 -12.48 24.56
N ARG A 168 3.65 -11.18 24.48
CA ARG A 168 2.54 -10.60 25.21
C ARG A 168 1.20 -10.96 24.57
N ASP A 169 0.14 -10.92 25.37
CA ASP A 169 -1.21 -11.17 24.88
C ASP A 169 -1.81 -9.88 24.34
N LEU A 170 -2.01 -9.83 23.02
CA LEU A 170 -2.59 -8.68 22.35
C LEU A 170 -3.88 -8.20 23.02
N ALA A 171 -4.70 -9.16 23.45
CA ALA A 171 -5.95 -8.84 24.14
C ALA A 171 -5.67 -8.06 25.43
N ASP A 172 -4.70 -8.54 26.20
CA ASP A 172 -4.31 -7.88 27.45
C ASP A 172 -3.75 -6.49 27.19
N VAL A 173 -2.80 -6.38 26.27
CA VAL A 173 -2.17 -5.11 25.93
C VAL A 173 -3.20 -4.08 25.48
N MET A 174 -4.11 -4.50 24.60
CA MET A 174 -5.15 -3.61 24.11
C MET A 174 -6.10 -3.18 25.22
N LEU A 175 -6.53 -4.14 26.04
CA LEU A 175 -7.43 -3.86 27.15
C LEU A 175 -6.79 -2.87 28.12
N ARG A 176 -5.48 -3.00 28.28
CA ARG A 176 -4.71 -2.10 29.14
C ARG A 176 -4.71 -0.69 28.57
N LYS A 177 -4.38 -0.58 27.29
CA LYS A 177 -4.34 0.71 26.60
C LYS A 177 -5.71 1.37 26.54
N LEU A 178 -6.75 0.57 26.32
CA LEU A 178 -8.11 1.07 26.23
C LEU A 178 -8.64 1.57 27.58
N LYS A 179 -8.35 0.82 28.63
CA LYS A 179 -8.76 1.18 29.98
C LYS A 179 -7.98 2.37 30.54
N ASP A 180 -6.69 2.46 30.22
CA ASP A 180 -5.86 3.54 30.73
C ASP A 180 -6.20 4.87 30.08
N SER A 181 -6.87 4.83 28.94
CA SER A 181 -7.27 6.04 28.25
C SER A 181 -8.66 6.49 28.71
N GLU A 182 -9.14 5.85 29.78
CA GLU A 182 -10.43 6.16 30.37
C GLU A 182 -11.57 6.04 29.37
N ASN B 3 19.58 3.60 -0.34
CA ASN B 3 19.18 2.97 0.92
C ASN B 3 17.68 3.12 1.15
N VAL B 4 17.18 4.35 1.08
CA VAL B 4 15.76 4.60 1.26
C VAL B 4 14.96 4.01 0.09
N ALA B 5 15.49 4.17 -1.12
CA ALA B 5 14.85 3.62 -2.31
C ALA B 5 14.81 2.10 -2.28
N ASP B 6 15.82 1.50 -1.63
CA ASP B 6 15.90 0.06 -1.49
C ASP B 6 14.69 -0.51 -0.77
N GLY B 7 14.34 0.10 0.36
CA GLY B 7 13.19 -0.31 1.14
C GLY B 7 11.89 -0.17 0.37
N LEU B 8 11.78 0.92 -0.38
CA LEU B 8 10.59 1.17 -1.18
C LEU B 8 10.44 0.13 -2.28
N ALA B 9 11.57 -0.31 -2.83
CA ALA B 9 11.57 -1.33 -3.87
C ALA B 9 11.14 -2.68 -3.30
N TRP B 10 11.65 -3.03 -2.13
CA TRP B 10 11.30 -4.28 -1.47
C TRP B 10 9.83 -4.29 -1.04
N SER B 11 9.37 -3.16 -0.54
CA SER B 11 7.98 -3.04 -0.10
C SER B 11 7.04 -3.16 -1.30
N TYR B 12 7.44 -2.56 -2.41
CA TYR B 12 6.68 -2.61 -3.65
C TYR B 12 6.54 -4.05 -4.15
N TYR B 13 7.53 -4.86 -3.83
CA TYR B 13 7.52 -6.26 -4.22
C TYR B 13 6.77 -7.11 -3.20
N PHE B 14 7.28 -7.14 -1.97
CA PHE B 14 6.71 -7.96 -0.90
C PHE B 14 5.26 -7.62 -0.58
N GLY B 15 4.90 -6.34 -0.67
CA GLY B 15 3.56 -5.92 -0.31
C GLY B 15 2.61 -5.79 -1.47
N TYR B 16 3.07 -6.16 -2.67
CA TYR B 16 2.25 -5.98 -3.87
C TYR B 16 2.62 -6.93 -5.01
N LEU B 17 3.66 -6.56 -5.76
CA LEU B 17 4.03 -7.26 -6.99
C LEU B 17 4.19 -8.77 -6.83
N LYS B 18 4.76 -9.20 -5.71
CA LYS B 18 5.02 -10.62 -5.47
C LYS B 18 3.78 -11.51 -5.63
N PHE B 19 2.61 -11.00 -5.25
CA PHE B 19 1.40 -11.80 -5.30
C PHE B 19 0.34 -11.28 -6.27
N VAL B 20 0.58 -10.14 -6.90
CA VAL B 20 -0.39 -9.63 -7.87
C VAL B 20 0.04 -9.91 -9.32
N LEU B 21 1.34 -10.02 -9.54
CA LEU B 21 1.86 -10.28 -10.89
C LEU B 21 1.63 -11.72 -11.35
N PRO B 22 1.94 -12.74 -10.50
CA PRO B 22 1.71 -14.11 -10.95
C PRO B 22 0.27 -14.41 -11.32
N GLU B 23 -0.68 -13.70 -10.72
CA GLU B 23 -2.09 -13.98 -10.96
C GLU B 23 -2.76 -12.88 -11.78
N LEU B 24 -1.96 -11.98 -12.35
CA LEU B 24 -2.49 -10.87 -13.12
C LEU B 24 -3.25 -11.35 -14.36
N GLU B 25 -2.64 -12.27 -15.10
CA GLU B 25 -3.26 -12.80 -16.31
C GLU B 25 -4.60 -13.47 -15.99
N LYS B 26 -4.55 -14.40 -15.05
CA LYS B 26 -5.74 -15.14 -14.62
C LYS B 26 -6.85 -14.21 -14.12
N GLN B 27 -6.47 -13.14 -13.44
CA GLN B 27 -7.43 -12.17 -12.92
C GLN B 27 -8.20 -11.45 -14.03
N ILE B 28 -7.49 -11.05 -15.08
CA ILE B 28 -8.11 -10.34 -16.20
C ILE B 28 -9.16 -11.20 -16.90
N GLU B 29 -8.87 -12.48 -17.06
CA GLU B 29 -9.76 -13.40 -17.76
C GLU B 29 -11.13 -13.54 -17.10
N LYS B 30 -11.25 -13.08 -15.85
CA LYS B 30 -12.52 -13.19 -15.13
C LYS B 30 -13.56 -12.22 -15.68
N THR B 31 -13.10 -11.19 -16.39
CA THR B 31 -14.02 -10.22 -16.96
C THR B 31 -14.25 -10.49 -18.44
N SER B 32 -15.51 -10.67 -18.81
CA SER B 32 -15.88 -10.96 -20.20
C SER B 32 -15.49 -9.81 -21.11
N LYS B 33 -15.68 -8.59 -20.62
CA LYS B 33 -15.37 -7.38 -21.36
C LYS B 33 -13.88 -7.29 -21.70
N PHE B 34 -13.06 -7.99 -20.92
CA PHE B 34 -11.62 -7.97 -21.11
C PHE B 34 -11.14 -9.22 -21.84
N ARG B 35 -11.79 -10.33 -21.53
CA ARG B 35 -11.43 -11.64 -22.05
C ARG B 35 -11.61 -11.75 -23.57
N SER B 36 -12.73 -11.23 -24.07
CA SER B 36 -13.04 -11.30 -25.49
C SER B 36 -12.17 -10.38 -26.34
N LYS B 37 -11.29 -9.62 -25.69
CA LYS B 37 -10.47 -8.63 -26.38
C LYS B 37 -9.20 -9.12 -27.06
N GLU B 38 -9.00 -8.63 -28.28
CA GLU B 38 -7.77 -8.85 -29.03
C GLU B 38 -6.87 -7.63 -28.81
N LYS B 39 -5.57 -7.80 -29.01
CA LYS B 39 -4.59 -6.73 -28.80
C LYS B 39 -4.61 -6.24 -27.36
N PHE B 40 -4.77 -7.17 -26.43
CA PHE B 40 -4.78 -6.87 -25.00
C PHE B 40 -3.62 -7.63 -24.38
N VAL B 41 -2.54 -6.91 -24.08
CA VAL B 41 -1.37 -7.51 -23.44
C VAL B 41 -1.67 -7.71 -21.96
N LYS B 42 -1.50 -8.94 -21.49
CA LYS B 42 -1.88 -9.31 -20.13
C LYS B 42 -0.72 -9.18 -19.14
N LYS B 43 -0.04 -8.03 -19.18
CA LYS B 43 1.05 -7.76 -18.25
C LYS B 43 0.93 -6.35 -17.67
N MET B 44 1.42 -6.17 -16.46
CA MET B 44 1.34 -4.86 -15.81
C MET B 44 2.41 -3.92 -16.36
N PHE B 45 1.97 -2.80 -16.92
CA PHE B 45 2.88 -1.78 -17.40
C PHE B 45 3.15 -0.75 -16.30
N ILE B 46 4.17 -1.02 -15.48
CA ILE B 46 4.51 -0.14 -14.38
C ILE B 46 5.12 1.17 -14.88
N LEU B 47 4.37 2.26 -14.73
CA LEU B 47 4.83 3.55 -15.19
C LEU B 47 5.82 4.18 -14.21
N ILE B 48 7.01 4.48 -14.71
CA ILE B 48 8.05 5.08 -13.87
C ILE B 48 8.55 6.37 -14.50
N PRO B 49 7.88 7.48 -14.18
CA PRO B 49 8.31 8.81 -14.65
C PRO B 49 9.51 9.34 -13.85
N SER B 50 10.46 9.95 -14.54
CA SER B 50 11.69 10.43 -13.93
C SER B 50 11.45 11.52 -12.88
N ASN B 51 10.39 12.30 -13.06
CA ASN B 51 10.07 13.40 -12.16
C ASN B 51 9.50 12.94 -10.82
N CYS B 52 9.03 11.69 -10.78
CA CYS B 52 8.40 11.08 -9.60
C CYS B 52 7.03 11.66 -9.30
N PHE B 53 6.46 12.41 -10.25
CA PHE B 53 5.13 12.95 -10.05
C PHE B 53 4.25 12.64 -11.24
N TRP B 54 2.96 12.53 -10.98
CA TRP B 54 2.00 12.18 -12.01
C TRP B 54 0.60 12.61 -11.61
N ASP B 55 -0.32 12.59 -12.57
CA ASP B 55 -1.71 12.77 -12.26
C ASP B 55 -2.26 11.39 -11.96
N ASP B 56 -2.88 11.25 -10.79
CA ASP B 56 -3.43 9.97 -10.35
C ASP B 56 -4.46 9.45 -11.36
N LYS B 57 -5.01 10.37 -12.14
CA LYS B 57 -5.92 10.04 -13.23
C LYS B 57 -5.20 10.15 -14.58
N ILE B 58 -4.97 9.02 -15.23
CA ILE B 58 -4.27 8.99 -16.52
C ILE B 58 -5.10 9.45 -17.73
N PRO B 59 -6.39 9.07 -17.82
CA PRO B 59 -7.17 9.53 -18.98
C PRO B 59 -7.17 11.04 -19.15
N GLY B 60 -6.61 11.51 -20.26
CA GLY B 60 -6.53 12.93 -20.52
C GLY B 60 -5.60 13.66 -19.57
N SER B 61 -4.67 12.92 -18.97
CA SER B 61 -3.68 13.52 -18.08
C SER B 61 -2.69 14.37 -18.87
N ASP B 62 -1.82 15.06 -18.15
CA ASP B 62 -0.80 15.90 -18.75
C ASP B 62 0.15 15.09 -19.62
N TYR B 63 0.30 13.81 -19.29
CA TYR B 63 1.14 12.91 -20.07
C TYR B 63 0.42 12.47 -21.35
N ASP B 64 -0.91 12.56 -21.34
CA ASP B 64 -1.73 12.24 -22.51
C ASP B 64 -2.36 13.50 -23.13
N PRO B 65 -1.60 14.21 -23.99
CA PRO B 65 -2.11 15.44 -24.61
C PRO B 65 -3.21 15.20 -25.66
N GLN B 66 -2.99 14.23 -26.54
CA GLN B 66 -3.93 13.96 -27.64
C GLN B 66 -5.19 13.20 -27.24
N ASN B 67 -5.29 12.79 -25.97
CA ASN B 67 -6.42 11.98 -25.50
C ASN B 67 -6.57 10.67 -26.24
N ARG B 68 -5.46 9.99 -26.49
CA ARG B 68 -5.50 8.69 -27.12
C ARG B 68 -5.71 7.61 -26.08
N ILE B 69 -5.44 7.93 -24.82
CA ILE B 69 -5.61 7.00 -23.72
C ILE B 69 -6.97 7.16 -23.06
N THR B 70 -7.67 6.05 -22.84
CA THR B 70 -9.00 6.08 -22.27
C THR B 70 -9.20 4.95 -21.27
N PHE B 71 -9.80 5.27 -20.13
CA PHE B 71 -10.06 4.31 -19.05
C PHE B 71 -11.15 3.31 -19.43
N GLU B 72 -10.86 2.03 -19.28
CA GLU B 72 -11.77 0.95 -19.67
C GLU B 72 -12.42 0.28 -18.47
N GLY B 73 -12.31 0.90 -17.30
CA GLY B 73 -12.87 0.29 -16.11
C GLY B 73 -11.79 -0.47 -15.40
N ASN B 74 -11.99 -0.75 -14.11
CA ASN B 74 -11.01 -1.48 -13.35
C ASN B 74 -11.16 -2.97 -13.56
N THR B 75 -10.18 -3.73 -13.10
CA THR B 75 -10.24 -5.18 -13.19
C THR B 75 -10.92 -5.72 -11.96
N GLU B 76 -11.21 -7.02 -11.96
CA GLU B 76 -11.78 -7.68 -10.80
C GLU B 76 -10.85 -7.49 -9.62
N PRO B 77 -11.35 -6.86 -8.54
CA PRO B 77 -10.49 -6.59 -7.40
C PRO B 77 -10.05 -7.89 -6.73
N LEU B 78 -8.76 -7.98 -6.42
CA LEU B 78 -8.24 -9.16 -5.73
C LEU B 78 -8.38 -8.96 -4.23
N GLU B 79 -9.02 -9.92 -3.58
CA GLU B 79 -9.29 -9.81 -2.15
C GLU B 79 -8.30 -10.66 -1.35
N LYS B 80 -7.58 -10.02 -0.44
CA LYS B 80 -6.60 -10.70 0.38
C LYS B 80 -6.51 -10.03 1.75
N THR B 81 -6.54 -10.84 2.80
CA THR B 81 -6.43 -10.31 4.15
C THR B 81 -4.96 -10.10 4.52
N ARG B 82 -4.61 -8.85 4.80
CA ARG B 82 -3.23 -8.52 5.17
C ARG B 82 -3.19 -7.46 6.27
N GLY B 83 -2.32 -7.69 7.26
CA GLY B 83 -2.12 -6.76 8.34
C GLY B 83 -3.38 -6.41 9.12
N GLY B 84 -4.14 -7.43 9.51
CA GLY B 84 -5.35 -7.23 10.27
C GLY B 84 -6.52 -6.66 9.48
N VAL B 85 -6.29 -6.34 8.21
CA VAL B 85 -7.36 -5.81 7.37
C VAL B 85 -7.96 -6.94 6.53
N PHE B 86 -9.21 -7.28 6.82
CA PHE B 86 -9.89 -8.37 6.14
C PHE B 86 -10.25 -8.01 4.70
N LEU B 87 -9.89 -8.90 3.78
CA LEU B 87 -10.24 -8.79 2.37
C LEU B 87 -9.85 -7.43 1.78
N ARG B 88 -8.58 -7.07 1.94
CA ARG B 88 -8.06 -5.86 1.32
C ARG B 88 -8.13 -6.00 -0.20
N HIS B 89 -8.47 -4.91 -0.89
CA HIS B 89 -8.67 -4.95 -2.33
C HIS B 89 -7.43 -4.57 -3.13
N TYR B 90 -7.06 -5.43 -4.07
CA TYR B 90 -5.95 -5.19 -4.97
C TYR B 90 -6.44 -5.25 -6.42
N LYS B 91 -6.70 -4.10 -7.01
CA LYS B 91 -7.22 -4.08 -8.38
C LYS B 91 -6.38 -3.18 -9.29
N HIS B 92 -6.62 -3.29 -10.59
CA HIS B 92 -5.84 -2.57 -11.58
C HIS B 92 -6.76 -1.93 -12.62
N SER B 93 -6.31 -0.84 -13.21
CA SER B 93 -7.12 -0.13 -14.19
C SER B 93 -6.69 -0.49 -15.62
N VAL B 94 -7.68 -0.82 -16.44
CA VAL B 94 -7.45 -1.12 -17.85
C VAL B 94 -7.68 0.12 -18.69
N TYR B 95 -6.77 0.39 -19.61
CA TYR B 95 -6.86 1.57 -20.45
C TYR B 95 -6.97 1.23 -21.93
N GLU B 96 -7.48 2.18 -22.71
CA GLU B 96 -7.62 2.01 -24.14
C GLU B 96 -6.79 3.06 -24.87
N ILE B 97 -5.85 2.60 -25.68
CA ILE B 97 -4.95 3.49 -26.39
C ILE B 97 -5.22 3.46 -27.89
N LYS B 98 -5.62 4.61 -28.45
CA LYS B 98 -5.94 4.70 -29.86
C LYS B 98 -4.67 4.56 -30.68
N ASP B 99 -4.68 3.65 -31.65
CA ASP B 99 -3.53 3.47 -32.52
C ASP B 99 -3.85 3.90 -33.95
N GLY B 100 -4.13 5.20 -34.13
CA GLY B 100 -4.47 5.73 -35.43
C GLY B 100 -5.69 5.07 -36.05
N GLU B 101 -5.51 4.54 -37.26
CA GLU B 101 -6.60 3.88 -37.96
C GLU B 101 -6.69 2.40 -37.60
N ASN B 102 -5.68 1.90 -36.89
CA ASN B 102 -5.63 0.51 -36.48
C ASN B 102 -6.57 0.22 -35.32
N GLU B 103 -6.64 -1.05 -34.93
CA GLU B 103 -7.40 -1.45 -33.76
C GLU B 103 -6.75 -0.87 -32.52
N PRO B 104 -7.55 -0.38 -31.57
CA PRO B 104 -6.96 0.23 -30.37
C PRO B 104 -6.33 -0.81 -29.46
N TRP B 105 -5.39 -0.37 -28.63
CA TRP B 105 -4.72 -1.28 -27.72
C TRP B 105 -5.30 -1.20 -26.32
N PHE B 106 -5.21 -2.31 -25.60
CA PHE B 106 -5.68 -2.42 -24.23
C PHE B 106 -4.59 -2.99 -23.36
N CYS B 107 -4.41 -2.41 -22.18
CA CYS B 107 -3.33 -2.80 -21.29
C CYS B 107 -3.55 -2.26 -19.89
N ILE B 108 -2.93 -2.89 -18.91
CA ILE B 108 -2.97 -2.41 -17.54
C ILE B 108 -1.83 -1.44 -17.30
N MET B 109 -2.16 -0.23 -16.86
CA MET B 109 -1.15 0.77 -16.57
C MET B 109 -1.25 1.22 -15.12
N GLU B 110 -0.11 1.22 -14.44
CA GLU B 110 -0.02 1.65 -13.05
C GLU B 110 1.26 2.45 -12.84
N TYR B 111 1.19 3.48 -12.02
CA TYR B 111 2.39 4.20 -11.64
C TYR B 111 3.07 3.44 -10.50
N ALA B 112 4.38 3.57 -10.40
CA ALA B 112 5.10 2.97 -9.29
C ALA B 112 4.85 3.82 -8.05
N THR B 113 3.90 3.38 -7.24
CA THR B 113 3.43 4.14 -6.08
C THR B 113 4.52 4.53 -5.05
N PRO B 114 5.55 3.67 -4.83
CA PRO B 114 6.61 4.13 -3.93
C PRO B 114 7.29 5.43 -4.38
N LEU B 115 7.27 5.72 -5.69
CA LEU B 115 7.88 6.93 -6.22
C LEU B 115 7.18 8.19 -5.70
N LEU B 116 5.87 8.09 -5.49
CA LEU B 116 5.10 9.20 -4.96
C LEU B 116 5.60 9.61 -3.58
N THR B 117 6.10 8.64 -2.83
CA THR B 117 6.69 8.91 -1.53
C THR B 117 7.95 9.74 -1.68
N LEU B 118 8.76 9.40 -2.68
CA LEU B 118 10.00 10.14 -2.95
C LEU B 118 9.71 11.60 -3.31
N TYR B 119 8.70 11.82 -4.15
CA TYR B 119 8.34 13.17 -4.54
C TYR B 119 7.82 13.96 -3.34
N ASP B 120 6.85 13.38 -2.64
CA ASP B 120 6.27 14.01 -1.47
C ASP B 120 7.31 14.34 -0.41
N MET B 121 8.30 13.47 -0.26
CA MET B 121 9.39 13.71 0.68
C MET B 121 10.21 14.92 0.26
N SER B 122 10.50 15.01 -1.04
CA SER B 122 11.30 16.11 -1.57
C SER B 122 10.61 17.47 -1.40
N VAL B 123 9.27 17.45 -1.38
CA VAL B 123 8.50 18.68 -1.24
C VAL B 123 8.19 19.00 0.21
N ALA B 124 7.76 18.00 0.97
CA ALA B 124 7.34 18.21 2.36
C ALA B 124 8.54 18.39 3.28
N GLN B 125 9.54 17.54 3.12
CA GLN B 125 10.76 17.65 3.92
C GLN B 125 12.02 17.65 3.05
N PRO B 126 12.32 18.79 2.42
CA PRO B 126 13.52 18.96 1.59
C PRO B 126 14.82 18.76 2.37
N GLY B 127 14.75 18.88 3.69
CA GLY B 127 15.92 18.70 4.53
C GLY B 127 16.40 17.26 4.61
N GLU B 128 15.48 16.31 4.52
CA GLU B 128 15.87 14.91 4.54
C GLU B 128 16.13 14.39 3.13
N LEU B 129 15.30 14.82 2.19
CA LEU B 129 15.45 14.41 0.80
C LEU B 129 15.37 15.62 -0.14
N SER B 130 16.53 16.04 -0.64
CA SER B 130 16.60 17.16 -1.56
C SER B 130 16.12 16.73 -2.95
N ARG B 131 15.87 17.72 -3.81
CA ARG B 131 15.43 17.43 -5.18
C ARG B 131 16.54 16.72 -5.95
N GLU B 132 17.78 17.00 -5.60
CA GLU B 132 18.93 16.34 -6.21
C GLU B 132 19.05 14.90 -5.70
N GLU B 133 18.83 14.73 -4.40
CA GLU B 133 18.90 13.42 -3.78
C GLU B 133 17.76 12.52 -4.24
N ARG B 134 16.63 13.14 -4.57
CA ARG B 134 15.47 12.41 -5.04
C ARG B 134 15.73 11.73 -6.37
N ASP B 135 16.39 12.46 -7.28
CA ASP B 135 16.74 11.93 -8.59
C ASP B 135 17.61 10.69 -8.52
N ALA B 136 18.53 10.69 -7.56
CA ALA B 136 19.45 9.57 -7.37
C ALA B 136 18.72 8.32 -6.90
N GLN B 137 17.78 8.52 -5.97
CA GLN B 137 17.03 7.40 -5.40
C GLN B 137 16.11 6.74 -6.42
N VAL B 138 15.65 7.52 -7.40
CA VAL B 138 14.81 6.98 -8.46
C VAL B 138 15.59 5.94 -9.26
N VAL B 139 16.84 6.26 -9.55
CA VAL B 139 17.70 5.38 -10.30
C VAL B 139 17.93 4.09 -9.53
N VAL B 140 18.23 4.23 -8.24
CA VAL B 140 18.42 3.08 -7.36
C VAL B 140 17.16 2.23 -7.30
N PHE B 141 16.02 2.88 -7.14
CA PHE B 141 14.73 2.21 -7.08
C PHE B 141 14.49 1.34 -8.32
N LEU B 142 14.70 1.92 -9.49
CA LEU B 142 14.51 1.21 -10.75
C LEU B 142 15.37 -0.04 -10.87
N ARG B 143 16.68 0.13 -10.66
CA ARG B 143 17.60 -0.99 -10.76
C ARG B 143 17.35 -2.04 -9.69
N LYS B 144 17.06 -1.60 -8.47
CA LYS B 144 16.78 -2.52 -7.38
C LYS B 144 15.50 -3.31 -7.67
N LEU B 145 14.45 -2.61 -8.05
CA LEU B 145 13.18 -3.24 -8.39
C LEU B 145 13.36 -4.26 -9.52
N GLN B 146 14.11 -3.85 -10.53
CA GLN B 146 14.42 -4.71 -11.67
C GLN B 146 15.17 -5.95 -11.20
N ASP B 147 16.16 -5.75 -10.35
CA ASP B 147 16.97 -6.84 -9.80
C ASP B 147 16.09 -7.84 -9.04
N ILE B 148 15.17 -7.31 -8.22
CA ILE B 148 14.27 -8.15 -7.44
C ILE B 148 13.33 -8.96 -8.33
N LEU B 149 12.69 -8.28 -9.28
CA LEU B 149 11.72 -8.93 -10.17
C LEU B 149 12.39 -9.97 -11.07
N GLU B 150 13.62 -9.70 -11.49
CA GLU B 150 14.37 -10.64 -12.32
C GLU B 150 14.71 -11.91 -11.55
N GLY B 151 14.72 -11.80 -10.22
CA GLY B 151 14.99 -12.93 -9.35
C GLY B 151 13.74 -13.71 -8.99
N ASP B 152 12.64 -13.36 -9.63
CA ASP B 152 11.35 -14.02 -9.37
C ASP B 152 10.81 -14.65 -10.64
N ARG B 153 10.92 -15.98 -10.71
CA ARG B 153 10.46 -16.76 -11.85
C ARG B 153 8.95 -16.63 -12.06
N ALA B 154 8.21 -16.48 -10.97
CA ALA B 154 6.76 -16.30 -11.04
C ALA B 154 6.37 -14.97 -11.68
N CYS B 155 7.28 -14.00 -11.65
CA CYS B 155 7.01 -12.68 -12.20
C CYS B 155 7.54 -12.53 -13.62
N GLN B 156 8.09 -13.62 -14.15
CA GLN B 156 8.66 -13.63 -15.49
C GLN B 156 7.60 -13.31 -16.54
N GLY B 157 7.85 -12.28 -17.34
CA GLY B 157 6.95 -11.89 -18.40
C GLY B 157 5.55 -11.54 -17.91
N LYS B 158 5.48 -11.01 -16.70
CA LYS B 158 4.19 -10.64 -16.12
C LYS B 158 4.16 -9.14 -15.85
N TYR B 159 5.23 -8.46 -16.25
CA TYR B 159 5.37 -7.03 -16.00
C TYR B 159 6.21 -6.36 -17.08
N GLU B 160 6.07 -5.03 -17.17
CA GLU B 160 6.92 -4.26 -18.06
C GLU B 160 7.20 -2.90 -17.45
N LEU B 161 8.47 -2.62 -17.15
CA LEU B 161 8.85 -1.34 -16.59
C LEU B 161 8.93 -0.28 -17.68
N VAL B 162 8.07 0.72 -17.58
CA VAL B 162 8.00 1.77 -18.59
C VAL B 162 8.53 3.09 -18.04
N THR B 163 9.82 3.32 -18.24
CA THR B 163 10.44 4.56 -17.81
C THR B 163 10.31 5.64 -18.89
N PHE B 164 9.98 6.85 -18.48
CA PHE B 164 9.87 7.96 -19.41
C PHE B 164 9.94 9.29 -18.67
N SER B 165 10.44 10.32 -19.34
CA SER B 165 10.45 11.66 -18.77
C SER B 165 9.09 12.30 -19.02
N PRO B 166 8.67 13.23 -18.15
CA PRO B 166 7.32 13.81 -18.23
C PRO B 166 7.09 14.71 -19.44
N ASP B 167 8.11 14.86 -20.29
CA ASP B 167 7.97 15.63 -21.52
C ASP B 167 7.43 14.75 -22.63
N ARG B 168 7.63 13.44 -22.47
CA ARG B 168 7.21 12.46 -23.47
C ARG B 168 5.70 12.30 -23.52
N ASP B 169 5.21 11.87 -24.68
CA ASP B 169 3.80 11.56 -24.84
C ASP B 169 3.58 10.12 -24.42
N LEU B 170 2.88 9.93 -23.30
CA LEU B 170 2.61 8.61 -22.75
C LEU B 170 2.03 7.65 -23.78
N ALA B 171 1.16 8.17 -24.65
CA ALA B 171 0.55 7.36 -25.70
C ALA B 171 1.63 6.82 -26.65
N ASP B 172 2.55 7.69 -27.06
CA ASP B 172 3.63 7.30 -27.95
C ASP B 172 4.53 6.25 -27.32
N VAL B 173 4.99 6.53 -26.10
CA VAL B 173 5.84 5.61 -25.36
C VAL B 173 5.19 4.24 -25.20
N MET B 174 3.92 4.24 -24.81
CA MET B 174 3.18 2.99 -24.63
C MET B 174 3.03 2.21 -25.93
N LEU B 175 2.69 2.90 -27.00
CA LEU B 175 2.48 2.26 -28.30
C LEU B 175 3.71 1.47 -28.77
N ARG B 176 4.91 1.97 -28.50
CA ARG B 176 6.11 1.25 -28.88
C ARG B 176 6.26 -0.08 -28.16
N LYS B 177 6.14 -0.05 -26.83
CA LYS B 177 6.25 -1.28 -26.04
C LYS B 177 5.13 -2.25 -26.39
N LEU B 178 3.96 -1.71 -26.71
CA LEU B 178 2.82 -2.53 -27.09
C LEU B 178 3.09 -3.25 -28.40
N LYS B 179 3.73 -2.57 -29.34
CA LYS B 179 4.10 -3.19 -30.61
C LYS B 179 5.20 -4.23 -30.40
N ASP B 180 6.15 -3.90 -29.51
CA ASP B 180 7.26 -4.80 -29.20
C ASP B 180 6.83 -5.99 -28.32
N SER B 181 5.73 -6.63 -28.69
CA SER B 181 5.24 -7.79 -27.95
C SER B 181 4.52 -8.77 -28.86
#